data_5TIZ
#
_entry.id   5TIZ
#
_cell.length_a   57.308
_cell.length_b   57.308
_cell.length_c   181.470
_cell.angle_alpha   90.00
_cell.angle_beta   90.00
_cell.angle_gamma   90.00
#
_symmetry.space_group_name_H-M   'P 41 2 2'
#
loop_
_entity.id
_entity.type
_entity.pdbx_description
1 polymer Sulfotransferase
2 non-polymer "ADENOSINE-3'-5'-DIPHOSPHATE"
#
_entity_poly.entity_id   1
_entity_poly.type   'polypeptide(L)'
_entity_poly.pdbx_seq_one_letter_code
;MSQLQTSLTVIGAGLPRTGTLSMKKALETIYCQPCYHMYEIILNKQYDISKWQTLLDIKQSKTTSNEILIIQNSLKEILN
GYIAVTDLPACGFYRELMTMYPNAKVILTIRDRNDWLTSFRKVVLPRTNDTYKEEVDKVNRILGLNTEFDKMNIDSLKFT
FQNNQIDFDDDNNLLECYDEYNKTVQEIVPSERLLVHKLGDGWEPLCQFLNVNIPIGITYPHVNALKEVTELTELLIKYQ
SLDVIKTKLSEVFGSHHHHHHHH
;
_entity_poly.pdbx_strand_id   A
#
loop_
_chem_comp.id
_chem_comp.type
_chem_comp.name
_chem_comp.formula
A3P RNA linking ADENOSINE-3'-5'-DIPHOSPHATE 'C10 H15 N5 O10 P2'
#
# COMPACT_ATOMS: atom_id res chain seq x y z
N THR A 6 19.76 -11.70 -3.74
CA THR A 6 18.47 -11.63 -3.08
C THR A 6 17.64 -10.49 -3.64
N SER A 7 17.37 -10.54 -4.95
CA SER A 7 16.62 -9.49 -5.62
C SER A 7 15.14 -9.89 -5.69
N LEU A 8 14.36 -9.09 -6.41
CA LEU A 8 12.92 -9.29 -6.41
C LEU A 8 12.56 -10.69 -6.90
N THR A 9 11.61 -11.29 -6.19
CA THR A 9 11.03 -12.58 -6.52
C THR A 9 9.52 -12.54 -6.69
N VAL A 10 8.83 -11.60 -6.04
CA VAL A 10 7.37 -11.52 -6.11
C VAL A 10 6.98 -10.07 -6.31
N ILE A 11 5.94 -9.85 -7.10
CA ILE A 11 5.41 -8.52 -7.39
C ILE A 11 3.93 -8.53 -7.00
N GLY A 12 3.60 -7.83 -5.91
CA GLY A 12 2.23 -7.79 -5.42
C GLY A 12 1.40 -6.69 -6.06
N ALA A 13 0.64 -7.04 -7.09
CA ALA A 13 -0.15 -6.07 -7.84
C ALA A 13 -1.48 -5.73 -7.16
N GLY A 14 -1.85 -6.41 -6.10
CA GLY A 14 -3.12 -6.15 -5.46
C GLY A 14 -3.23 -4.72 -4.96
N LEU A 15 -4.44 -4.18 -5.00
CA LEU A 15 -4.71 -2.83 -4.56
C LEU A 15 -4.88 -2.77 -3.04
N PRO A 16 -4.78 -1.59 -2.43
CA PRO A 16 -4.94 -1.49 -0.99
C PRO A 16 -6.28 -2.06 -0.53
N ARG A 17 -6.26 -2.65 0.66
CA ARG A 17 -7.43 -3.28 1.28
C ARG A 17 -7.87 -4.54 0.55
N THR A 18 -7.01 -5.12 -0.27
CA THR A 18 -7.25 -6.43 -0.86
C THR A 18 -6.48 -7.53 -0.13
N GLY A 19 -5.90 -7.23 1.03
CA GLY A 19 -5.11 -8.18 1.78
C GLY A 19 -3.62 -8.01 1.54
N THR A 20 -3.19 -6.76 1.37
CA THR A 20 -1.81 -6.50 0.96
C THR A 20 -0.83 -6.62 2.12
N LEU A 21 -1.25 -6.33 3.35
CA LEU A 21 -0.36 -6.50 4.48
C LEU A 21 -0.23 -7.97 4.88
N SER A 22 -1.35 -8.71 4.84
CA SER A 22 -1.28 -10.14 5.11
C SER A 22 -0.43 -10.86 4.07
N MET A 23 -0.55 -10.47 2.80
CA MET A 23 0.30 -11.06 1.76
C MET A 23 1.76 -10.69 2.00
N LYS A 24 2.03 -9.42 2.26
CA LYS A 24 3.37 -8.99 2.67
C LYS A 24 3.93 -9.94 3.72
N LYS A 25 3.20 -10.11 4.83
CA LYS A 25 3.69 -10.92 5.93
C LYS A 25 3.83 -12.38 5.54
N ALA A 26 2.95 -12.89 4.66
CA ALA A 26 3.08 -14.27 4.22
C ALA A 26 4.33 -14.48 3.38
N LEU A 27 4.75 -13.45 2.65
CA LEU A 27 5.96 -13.56 1.83
C LEU A 27 7.22 -13.49 2.68
N GLU A 28 7.21 -12.67 3.74
CA GLU A 28 8.38 -12.59 4.60
C GLU A 28 8.54 -13.86 5.42
N THR A 29 7.43 -14.52 5.78
CA THR A 29 7.52 -15.82 6.43
C THR A 29 8.18 -16.84 5.53
N ILE A 30 7.85 -16.82 4.24
CA ILE A 30 8.38 -17.79 3.30
C ILE A 30 9.86 -17.52 3.02
N TYR A 31 10.19 -16.30 2.62
CA TYR A 31 11.53 -15.98 2.15
C TYR A 31 12.45 -15.47 3.27
N CYS A 32 11.91 -15.10 4.42
CA CYS A 32 12.71 -14.56 5.51
C CYS A 32 13.53 -13.34 5.04
N GLN A 33 12.93 -12.55 4.16
CA GLN A 33 13.53 -11.34 3.64
C GLN A 33 12.49 -10.22 3.69
N PRO A 34 12.93 -8.96 3.62
CA PRO A 34 11.98 -7.85 3.73
C PRO A 34 11.07 -7.76 2.51
N CYS A 35 9.81 -7.38 2.77
CA CYS A 35 8.84 -7.11 1.71
C CYS A 35 8.39 -5.66 1.83
N TYR A 36 8.38 -4.95 0.71
CA TYR A 36 8.04 -3.54 0.68
C TYR A 36 6.53 -3.34 0.83
N HIS A 37 6.15 -2.22 1.41
CA HIS A 37 4.74 -1.93 1.70
C HIS A 37 4.64 -0.45 2.03
N MET A 38 3.42 0.09 1.89
CA MET A 38 3.21 1.49 2.22
C MET A 38 3.62 1.79 3.66
N TYR A 39 3.48 0.81 4.55
CA TYR A 39 3.88 0.99 5.94
C TYR A 39 5.39 1.08 6.10
N GLU A 40 6.16 0.52 5.16
CA GLU A 40 7.60 0.74 5.15
C GLU A 40 7.91 2.21 4.94
N ILE A 41 7.20 2.86 4.00
CA ILE A 41 7.41 4.28 3.74
C ILE A 41 7.05 5.10 4.97
N ILE A 42 5.89 4.82 5.55
CA ILE A 42 5.37 5.64 6.65
C ILE A 42 6.27 5.52 7.88
N LEU A 43 6.65 4.30 8.24
CA LEU A 43 7.29 4.06 9.52
C LEU A 43 8.81 3.99 9.45
N ASN A 44 9.40 3.84 8.27
CA ASN A 44 10.85 3.65 8.18
C ASN A 44 11.50 4.51 7.10
N LYS A 45 10.97 4.49 5.88
CA LYS A 45 11.59 5.22 4.78
C LYS A 45 10.69 6.33 4.26
N GLN A 46 10.36 7.30 5.11
CA GLN A 46 9.62 8.46 4.63
C GLN A 46 10.39 9.24 3.59
N TYR A 47 11.72 9.05 3.52
CA TYR A 47 12.51 9.72 2.48
C TYR A 47 12.29 9.12 1.10
N ASP A 48 11.56 8.00 1.00
CA ASP A 48 11.20 7.44 -0.30
C ASP A 48 9.96 8.10 -0.90
N ILE A 49 9.28 8.97 -0.17
CA ILE A 49 8.06 9.59 -0.69
C ILE A 49 8.38 10.43 -1.92
N SER A 50 9.36 11.34 -1.80
CA SER A 50 9.70 12.21 -2.92
C SER A 50 10.20 11.40 -4.10
N LYS A 51 10.96 10.34 -3.84
CA LYS A 51 11.41 9.47 -4.92
C LYS A 51 10.22 8.95 -5.73
N TRP A 52 9.28 8.30 -5.06
CA TRP A 52 8.08 7.82 -5.73
C TRP A 52 7.35 8.96 -6.44
N GLN A 53 7.45 10.18 -5.93
CA GLN A 53 6.74 11.31 -6.53
C GLN A 53 7.33 11.67 -7.88
N THR A 54 8.63 11.93 -7.94
CA THR A 54 9.26 12.23 -9.21
C THR A 54 9.07 11.09 -10.20
N LEU A 55 9.00 9.86 -9.70
CA LEU A 55 8.71 8.72 -10.55
C LEU A 55 7.29 8.80 -11.10
N LEU A 56 6.34 9.26 -10.29
CA LEU A 56 4.96 9.44 -10.75
C LEU A 56 4.81 10.67 -11.64
N ASP A 57 5.61 11.72 -11.41
CA ASP A 57 5.57 12.87 -12.28
C ASP A 57 5.96 12.50 -13.71
N ILE A 58 6.93 11.60 -13.84
CA ILE A 58 7.38 11.18 -15.17
C ILE A 58 6.26 10.47 -15.92
N LYS A 59 5.49 9.63 -15.22
CA LYS A 59 4.45 8.86 -15.87
C LYS A 59 3.20 9.66 -16.18
N GLN A 60 3.09 10.90 -15.69
CA GLN A 60 1.97 11.75 -16.05
C GLN A 60 1.90 11.95 -17.56
N SER A 61 3.03 12.32 -18.16
CA SER A 61 3.21 12.24 -19.60
C SER A 61 3.80 10.87 -19.96
N LYS A 62 3.77 10.56 -21.26
CA LYS A 62 4.31 9.28 -21.71
C LYS A 62 5.83 9.35 -21.82
N THR A 63 6.45 8.19 -21.74
CA THR A 63 7.88 8.06 -21.48
C THR A 63 8.65 7.81 -22.76
N THR A 64 9.72 8.57 -22.96
CA THR A 64 10.71 8.25 -23.97
C THR A 64 11.57 7.09 -23.49
N SER A 65 12.12 6.34 -24.45
CA SER A 65 12.99 5.21 -24.11
C SER A 65 14.06 5.66 -23.11
N ASN A 66 14.68 6.80 -23.36
CA ASN A 66 15.64 7.34 -22.41
C ASN A 66 15.01 7.56 -21.04
N GLU A 67 13.74 7.98 -21.03
CA GLU A 67 13.07 8.26 -19.77
C GLU A 67 12.95 7.01 -18.91
N ILE A 68 12.67 5.86 -19.53
CA ILE A 68 12.31 4.68 -18.75
C ILE A 68 13.51 4.10 -18.03
N LEU A 69 14.72 4.28 -18.57
CA LEU A 69 15.89 3.75 -17.87
C LEU A 69 16.06 4.41 -16.51
N ILE A 70 15.75 5.70 -16.42
CA ILE A 70 15.82 6.36 -15.12
C ILE A 70 14.72 5.84 -14.22
N ILE A 71 13.58 5.45 -14.80
CA ILE A 71 12.52 4.82 -14.02
C ILE A 71 13.03 3.50 -13.43
N GLN A 72 13.71 2.70 -14.25
CA GLN A 72 14.21 1.41 -13.77
C GLN A 72 15.36 1.59 -12.78
N ASN A 73 16.10 2.69 -12.89
CA ASN A 73 17.23 2.92 -11.99
C ASN A 73 16.79 3.45 -10.64
N SER A 74 15.64 4.13 -10.59
CA SER A 74 15.08 4.57 -9.30
C SER A 74 14.31 3.46 -8.61
N LEU A 75 13.68 2.56 -9.38
CA LEU A 75 12.98 1.43 -8.78
C LEU A 75 13.95 0.43 -8.17
N LYS A 76 15.14 0.29 -8.76
CA LYS A 76 16.15 -0.59 -8.17
C LYS A 76 16.71 0.01 -6.89
N GLU A 77 16.96 1.32 -6.88
CA GLU A 77 17.37 2.00 -5.66
C GLU A 77 16.35 1.78 -4.55
N ILE A 78 15.08 2.05 -4.83
CA ILE A 78 14.05 2.00 -3.80
C ILE A 78 13.85 0.57 -3.31
N LEU A 79 13.83 -0.40 -4.23
CA LEU A 79 13.47 -1.77 -3.89
C LEU A 79 14.69 -2.67 -3.70
N ASN A 80 15.89 -2.10 -3.58
CA ASN A 80 17.06 -2.92 -3.32
C ASN A 80 16.96 -3.55 -1.93
N GLY A 81 17.42 -4.79 -1.81
CA GLY A 81 17.35 -5.53 -0.57
C GLY A 81 16.02 -6.18 -0.29
N TYR A 82 14.98 -5.88 -1.05
CA TYR A 82 13.64 -6.41 -0.81
C TYR A 82 13.38 -7.61 -1.71
N ILE A 83 12.73 -8.63 -1.14
CA ILE A 83 12.38 -9.83 -1.90
C ILE A 83 11.05 -9.69 -2.62
N ALA A 84 10.16 -8.82 -2.15
CA ALA A 84 8.82 -8.70 -2.71
C ALA A 84 8.33 -7.27 -2.52
N VAL A 85 7.11 -7.02 -2.99
CA VAL A 85 6.51 -5.69 -2.94
C VAL A 85 5.00 -5.84 -3.07
N THR A 86 4.27 -5.16 -2.18
CA THR A 86 2.81 -5.19 -2.22
C THR A 86 2.28 -3.80 -1.90
N ASP A 87 1.01 -3.58 -2.23
CA ASP A 87 0.32 -2.34 -1.90
C ASP A 87 0.79 -1.20 -2.80
N LEU A 88 0.27 0.00 -2.58
CA LEU A 88 0.75 1.18 -3.28
C LEU A 88 2.07 1.64 -2.67
N PRO A 89 2.84 2.47 -3.41
CA PRO A 89 2.58 2.93 -4.78
C PRO A 89 3.15 2.00 -5.84
N ALA A 90 3.64 0.83 -5.40
CA ALA A 90 4.41 -0.03 -6.29
C ALA A 90 3.53 -0.88 -7.18
N CYS A 91 2.39 -1.35 -6.67
CA CYS A 91 1.51 -2.21 -7.46
C CYS A 91 1.18 -1.58 -8.80
N GLY A 92 1.20 -0.25 -8.89
CA GLY A 92 0.95 0.42 -10.16
C GLY A 92 2.09 0.31 -11.14
N PHE A 93 3.30 0.04 -10.68
CA PHE A 93 4.47 -0.10 -11.53
C PHE A 93 4.76 -1.55 -11.92
N TYR A 94 3.75 -2.42 -11.85
CA TYR A 94 4.02 -3.84 -12.02
C TYR A 94 4.49 -4.17 -13.44
N ARG A 95 4.02 -3.43 -14.44
CA ARG A 95 4.50 -3.66 -15.80
C ARG A 95 5.98 -3.33 -15.93
N GLU A 96 6.40 -2.21 -15.33
CA GLU A 96 7.81 -1.82 -15.39
C GLU A 96 8.67 -2.79 -14.57
N LEU A 97 8.14 -3.26 -13.44
CA LEU A 97 8.87 -4.23 -12.62
C LEU A 97 8.96 -5.59 -13.29
N MET A 98 8.00 -5.93 -14.14
CA MET A 98 8.01 -7.22 -14.82
C MET A 98 9.16 -7.31 -15.82
N THR A 99 9.20 -6.37 -16.77
CA THR A 99 10.29 -6.35 -17.75
C THR A 99 11.66 -6.22 -17.07
N MET A 100 11.69 -5.71 -15.85
CA MET A 100 12.92 -5.40 -15.15
C MET A 100 13.45 -6.57 -14.33
N TYR A 101 12.55 -7.45 -13.87
CA TYR A 101 12.92 -8.64 -13.09
C TYR A 101 12.30 -9.84 -13.79
N PRO A 102 12.95 -10.38 -14.83
CA PRO A 102 12.32 -11.45 -15.62
C PRO A 102 12.01 -12.70 -14.82
N ASN A 103 12.79 -13.02 -13.80
CA ASN A 103 12.57 -14.22 -12.99
C ASN A 103 11.62 -13.96 -11.82
N ALA A 104 10.87 -12.87 -11.84
CA ALA A 104 9.96 -12.53 -10.77
C ALA A 104 8.51 -12.84 -11.18
N LYS A 105 7.77 -13.45 -10.28
CA LYS A 105 6.37 -13.75 -10.53
C LYS A 105 5.48 -12.64 -9.96
N VAL A 106 4.21 -12.67 -10.35
CA VAL A 106 3.24 -11.65 -9.98
C VAL A 106 2.10 -12.31 -9.23
N ILE A 107 1.72 -11.73 -8.09
CA ILE A 107 0.55 -12.15 -7.33
C ILE A 107 -0.44 -11.00 -7.28
N LEU A 108 -1.72 -11.31 -7.50
CA LEU A 108 -2.80 -10.34 -7.50
C LEU A 108 -3.81 -10.74 -6.44
N THR A 109 -3.84 -9.99 -5.34
CA THR A 109 -4.83 -10.22 -4.30
C THR A 109 -6.12 -9.49 -4.65
N ILE A 110 -7.24 -10.22 -4.70
CA ILE A 110 -8.54 -9.63 -5.00
C ILE A 110 -9.52 -10.02 -3.90
N ARG A 111 -10.61 -9.27 -3.83
CA ARG A 111 -11.73 -9.59 -2.95
C ARG A 111 -13.01 -9.11 -3.63
N ASP A 112 -14.13 -9.33 -2.96
CA ASP A 112 -15.41 -8.84 -3.49
C ASP A 112 -15.33 -7.33 -3.69
N ARG A 113 -15.79 -6.87 -4.86
CA ARG A 113 -15.60 -5.47 -5.22
C ARG A 113 -16.37 -4.54 -4.30
N ASN A 114 -17.51 -5.00 -3.75
CA ASN A 114 -18.28 -4.14 -2.85
C ASN A 114 -17.73 -4.17 -1.43
N ASP A 115 -17.25 -5.33 -0.98
CA ASP A 115 -16.55 -5.39 0.31
C ASP A 115 -15.32 -4.48 0.28
N TRP A 116 -14.61 -4.47 -0.84
CA TRP A 116 -13.42 -3.62 -0.95
C TRP A 116 -13.78 -2.15 -0.85
N LEU A 117 -14.88 -1.74 -1.50
CA LEU A 117 -15.23 -0.33 -1.53
C LEU A 117 -15.50 0.21 -0.12
N THR A 118 -16.39 -0.45 0.62
CA THR A 118 -16.68 0.00 1.99
C THR A 118 -15.40 0.04 2.81
N SER A 119 -14.59 -1.02 2.74
CA SER A 119 -13.30 -1.02 3.43
C SER A 119 -12.40 0.09 2.91
N PHE A 120 -12.28 0.19 1.59
CA PHE A 120 -11.48 1.25 0.98
C PHE A 120 -11.92 2.63 1.45
N ARG A 121 -13.20 2.79 1.78
CA ARG A 121 -13.72 4.09 2.21
C ARG A 121 -13.45 4.37 3.69
N LYS A 122 -13.43 3.33 4.52
CA LYS A 122 -13.20 3.53 5.94
C LYS A 122 -11.73 3.80 6.26
N VAL A 123 -10.81 3.21 5.49
CA VAL A 123 -9.39 3.23 5.83
C VAL A 123 -8.63 4.19 4.94
N VAL A 124 -8.57 3.88 3.65
CA VAL A 124 -7.67 4.56 2.74
C VAL A 124 -8.18 5.96 2.41
N LEU A 125 -9.01 6.07 1.37
CA LEU A 125 -9.45 7.37 0.87
C LEU A 125 -10.94 7.53 1.13
N PRO A 126 -11.34 8.14 2.25
CA PRO A 126 -12.76 8.40 2.47
C PRO A 126 -13.26 9.56 1.65
N ARG A 127 -14.57 9.56 1.40
CA ARG A 127 -15.19 10.63 0.65
C ARG A 127 -14.88 11.96 1.33
N THR A 128 -14.43 12.94 0.54
CA THR A 128 -13.99 14.21 1.11
C THR A 128 -15.01 14.88 2.03
N ASN A 129 -16.27 14.43 2.03
CA ASN A 129 -17.25 14.90 3.00
C ASN A 129 -17.39 13.97 4.20
N ASP A 130 -16.95 12.73 4.07
CA ASP A 130 -17.00 11.78 5.17
C ASP A 130 -16.35 12.36 6.41
N THR A 131 -17.13 12.49 7.49
CA THR A 131 -16.62 13.04 8.73
C THR A 131 -15.33 12.34 9.17
N TYR A 132 -15.15 11.09 8.79
CA TYR A 132 -13.94 10.35 9.13
C TYR A 132 -12.70 10.85 8.35
N LYS A 133 -12.84 11.91 7.55
CA LYS A 133 -11.68 12.50 6.86
C LYS A 133 -10.70 13.09 7.85
N GLU A 134 -11.18 13.95 8.75
CA GLU A 134 -10.30 14.61 9.70
C GLU A 134 -9.60 13.62 10.62
N GLU A 135 -10.09 12.38 10.69
CA GLU A 135 -9.46 11.37 11.53
C GLU A 135 -8.26 10.74 10.84
N VAL A 136 -8.48 10.20 9.62
CA VAL A 136 -7.36 9.63 8.86
C VAL A 136 -6.29 10.68 8.64
N ASP A 137 -6.70 11.89 8.27
CA ASP A 137 -5.73 12.95 8.03
C ASP A 137 -4.98 13.34 9.29
N LYS A 138 -5.62 13.22 10.46
CA LYS A 138 -4.98 13.70 11.69
C LYS A 138 -3.88 12.76 12.15
N VAL A 139 -4.12 11.44 12.10
CA VAL A 139 -3.08 10.49 12.48
C VAL A 139 -1.90 10.56 11.51
N ASN A 140 -2.17 10.96 10.27
CA ASN A 140 -1.07 11.22 9.34
C ASN A 140 -0.16 12.31 9.89
N ARG A 141 -0.75 13.40 10.40
CA ARG A 141 0.05 14.47 10.97
C ARG A 141 0.84 13.98 12.18
N ILE A 142 0.21 13.16 13.02
CA ILE A 142 0.89 12.64 14.20
C ILE A 142 2.05 11.75 13.81
N LEU A 143 1.93 11.05 12.68
CA LEU A 143 3.01 10.20 12.19
C LEU A 143 4.05 10.96 11.37
N GLY A 144 3.87 12.27 11.19
CA GLY A 144 4.80 13.05 10.41
C GLY A 144 4.57 13.03 8.91
N LEU A 145 3.32 12.94 8.46
CA LEU A 145 2.99 12.84 7.04
C LEU A 145 2.49 14.20 6.56
N ASN A 146 3.15 14.73 5.54
CA ASN A 146 2.93 16.09 5.08
C ASN A 146 1.81 16.12 4.04
N THR A 147 1.58 17.31 3.46
CA THR A 147 0.69 17.43 2.32
C THR A 147 1.23 16.66 1.13
N GLU A 148 2.56 16.61 0.99
CA GLU A 148 3.18 15.89 -0.13
C GLU A 148 2.99 14.38 -0.02
N PHE A 149 2.70 13.86 1.18
CA PHE A 149 2.35 12.45 1.29
C PHE A 149 1.01 12.19 0.60
N ASP A 150 -0.01 12.97 0.93
CA ASP A 150 -1.29 12.87 0.25
C ASP A 150 -1.11 12.99 -1.26
N LYS A 151 -0.30 13.96 -1.68
CA LYS A 151 0.04 14.12 -3.10
C LYS A 151 0.54 12.81 -3.69
N MET A 152 1.58 12.25 -3.08
CA MET A 152 2.17 11.01 -3.58
C MET A 152 1.20 9.84 -3.53
N ASN A 153 0.21 9.90 -2.63
CA ASN A 153 -0.72 8.78 -2.47
C ASN A 153 -1.85 8.84 -3.50
N ILE A 154 -2.51 9.99 -3.63
CA ILE A 154 -3.57 10.13 -4.62
C ILE A 154 -3.00 10.01 -6.03
N ASP A 155 -1.76 10.47 -6.24
CA ASP A 155 -1.16 10.38 -7.57
C ASP A 155 -0.88 8.92 -7.95
N SER A 156 -0.36 8.13 -7.00
CA SER A 156 -0.12 6.72 -7.28
C SER A 156 -1.42 6.00 -7.66
N LEU A 157 -2.52 6.37 -7.02
CA LEU A 157 -3.82 5.81 -7.41
C LEU A 157 -4.15 6.17 -8.85
N LYS A 158 -3.99 7.45 -9.22
CA LYS A 158 -4.22 7.85 -10.60
C LYS A 158 -3.39 7.01 -11.56
N PHE A 159 -2.13 6.78 -11.22
CA PHE A 159 -1.26 5.98 -12.08
C PHE A 159 -1.72 4.53 -12.17
N THR A 160 -2.08 3.94 -11.03
CA THR A 160 -2.48 2.54 -11.02
C THR A 160 -3.75 2.33 -11.84
N PHE A 161 -4.70 3.25 -11.76
CA PHE A 161 -5.93 3.15 -12.54
C PHE A 161 -5.76 3.64 -13.97
N GLN A 162 -4.62 4.21 -14.32
CA GLN A 162 -4.38 4.74 -15.66
C GLN A 162 -5.49 5.69 -16.08
N ASN A 163 -5.67 6.73 -15.28
CA ASN A 163 -6.67 7.76 -15.56
C ASN A 163 -6.18 9.07 -14.97
N ASN A 164 -6.01 10.08 -15.83
CA ASN A 164 -5.39 11.34 -15.41
C ASN A 164 -6.05 11.91 -14.17
N GLN A 165 -7.39 11.97 -14.16
CA GLN A 165 -8.13 12.25 -12.94
C GLN A 165 -9.54 11.72 -13.10
N ILE A 166 -10.12 11.31 -11.96
CA ILE A 166 -11.50 10.86 -11.89
C ILE A 166 -12.07 11.32 -10.56
N ASP A 167 -13.36 11.66 -10.56
CA ASP A 167 -14.03 12.10 -9.35
C ASP A 167 -13.99 10.99 -8.30
N PHE A 168 -13.06 11.10 -7.35
CA PHE A 168 -12.89 10.04 -6.35
C PHE A 168 -14.02 10.02 -5.33
N ASP A 169 -14.92 11.01 -5.34
CA ASP A 169 -16.13 10.96 -4.53
C ASP A 169 -17.26 10.23 -5.24
N ASP A 170 -16.93 9.34 -6.17
CA ASP A 170 -17.92 8.59 -6.95
C ASP A 170 -17.68 7.11 -6.67
N ASP A 171 -18.54 6.53 -5.84
CA ASP A 171 -18.41 5.11 -5.49
C ASP A 171 -18.35 4.23 -6.73
N ASN A 172 -19.31 4.41 -7.65
CA ASN A 172 -19.37 3.55 -8.82
C ASN A 172 -18.16 3.75 -9.71
N ASN A 173 -17.66 4.98 -9.81
CA ASN A 173 -16.45 5.21 -10.59
C ASN A 173 -15.29 4.36 -10.05
N LEU A 174 -15.12 4.32 -8.73
CA LEU A 174 -14.06 3.52 -8.14
C LEU A 174 -14.22 2.05 -8.50
N LEU A 175 -15.45 1.53 -8.38
CA LEU A 175 -15.70 0.14 -8.72
C LEU A 175 -15.27 -0.15 -10.15
N GLU A 176 -15.63 0.73 -11.09
CA GLU A 176 -15.26 0.52 -12.48
C GLU A 176 -13.75 0.55 -12.66
N CYS A 177 -13.06 1.40 -11.91
CA CYS A 177 -11.60 1.41 -11.94
C CYS A 177 -11.03 0.15 -11.30
N TYR A 178 -11.58 -0.24 -10.15
CA TYR A 178 -11.10 -1.42 -9.44
C TYR A 178 -11.30 -2.68 -10.29
N ASP A 179 -12.48 -2.83 -10.87
CA ASP A 179 -12.74 -3.99 -11.72
C ASP A 179 -11.83 -3.98 -12.94
N GLU A 180 -11.67 -2.82 -13.59
CA GLU A 180 -10.78 -2.70 -14.73
C GLU A 180 -9.38 -3.18 -14.37
N TYR A 181 -8.74 -2.49 -13.45
CA TYR A 181 -7.37 -2.82 -13.04
C TYR A 181 -7.19 -4.32 -12.85
N ASN A 182 -8.01 -4.94 -11.99
CA ASN A 182 -7.88 -6.37 -11.75
C ASN A 182 -8.07 -7.18 -13.02
N LYS A 183 -8.92 -6.70 -13.93
CA LYS A 183 -9.10 -7.38 -15.22
C LYS A 183 -7.86 -7.25 -16.09
N THR A 184 -7.34 -6.02 -16.23
CA THR A 184 -6.20 -5.78 -17.10
C THR A 184 -4.94 -6.45 -16.58
N VAL A 185 -4.84 -6.72 -15.28
CA VAL A 185 -3.69 -7.43 -14.75
C VAL A 185 -3.72 -8.89 -15.20
N GLN A 186 -4.90 -9.52 -15.16
CA GLN A 186 -5.04 -10.89 -15.62
C GLN A 186 -4.93 -11.03 -17.13
N GLU A 187 -4.92 -9.92 -17.87
CA GLU A 187 -4.73 -9.92 -19.32
C GLU A 187 -3.28 -9.67 -19.73
N ILE A 188 -2.61 -8.71 -19.10
CA ILE A 188 -1.24 -8.37 -19.47
C ILE A 188 -0.26 -9.45 -19.04
N VAL A 189 -0.55 -10.16 -17.96
CA VAL A 189 0.38 -11.09 -17.34
C VAL A 189 0.00 -12.51 -17.76
N PRO A 190 0.93 -13.30 -18.31
CA PRO A 190 0.58 -14.67 -18.66
C PRO A 190 0.13 -15.46 -17.43
N SER A 191 -0.80 -16.39 -17.65
CA SER A 191 -1.34 -17.18 -16.55
C SER A 191 -0.26 -17.95 -15.82
N GLU A 192 0.78 -18.39 -16.54
CA GLU A 192 1.83 -19.18 -15.91
C GLU A 192 2.72 -18.34 -15.00
N ARG A 193 2.76 -17.02 -15.21
CA ARG A 193 3.54 -16.11 -14.39
C ARG A 193 2.70 -15.43 -13.32
N LEU A 194 1.40 -15.66 -13.31
CA LEU A 194 0.47 -14.93 -12.46
C LEU A 194 -0.24 -15.88 -11.50
N LEU A 195 -0.59 -15.36 -10.32
CA LEU A 195 -1.45 -16.04 -9.37
C LEU A 195 -2.46 -15.05 -8.85
N VAL A 196 -3.72 -15.45 -8.83
CA VAL A 196 -4.81 -14.64 -8.29
C VAL A 196 -5.20 -15.22 -6.95
N HIS A 197 -4.89 -14.50 -5.87
CA HIS A 197 -5.11 -14.98 -4.51
C HIS A 197 -6.33 -14.26 -3.93
N LYS A 198 -7.45 -14.99 -3.86
CA LYS A 198 -8.65 -14.45 -3.25
C LYS A 198 -8.54 -14.50 -1.73
N LEU A 199 -9.21 -13.57 -1.07
CA LEU A 199 -9.20 -13.54 0.39
C LEU A 199 -9.59 -14.90 0.95
N GLY A 200 -8.70 -15.49 1.74
CA GLY A 200 -8.94 -16.75 2.39
C GLY A 200 -8.38 -17.97 1.68
N ASP A 201 -7.72 -17.79 0.54
CA ASP A 201 -7.21 -18.93 -0.21
C ASP A 201 -6.18 -19.71 0.60
N GLY A 202 -5.37 -19.01 1.39
CA GLY A 202 -4.43 -19.68 2.29
C GLY A 202 -3.08 -19.96 1.67
N TRP A 203 -2.39 -20.91 2.29
CA TRP A 203 -1.01 -21.22 1.90
C TRP A 203 -0.94 -22.04 0.62
N GLU A 204 -1.80 -23.05 0.49
CA GLU A 204 -1.69 -24.07 -0.56
C GLU A 204 -1.42 -23.45 -1.93
N PRO A 205 -2.30 -22.60 -2.46
CA PRO A 205 -2.01 -22.03 -3.79
C PRO A 205 -0.76 -21.18 -3.81
N LEU A 206 -0.62 -20.25 -2.86
CA LEU A 206 0.56 -19.41 -2.79
C LEU A 206 1.84 -20.24 -2.83
N CYS A 207 1.89 -21.32 -2.04
CA CYS A 207 3.13 -22.08 -1.90
C CYS A 207 3.38 -22.98 -3.09
N GLN A 208 2.33 -23.57 -3.66
CA GLN A 208 2.49 -24.33 -4.89
C GLN A 208 2.95 -23.43 -6.03
N PHE A 209 2.34 -22.25 -6.16
CA PHE A 209 2.69 -21.33 -7.23
C PHE A 209 4.11 -20.80 -7.06
N LEU A 210 4.62 -20.72 -5.83
CA LEU A 210 5.97 -20.25 -5.57
C LEU A 210 6.97 -21.38 -5.39
N ASN A 211 6.51 -22.64 -5.39
CA ASN A 211 7.39 -23.80 -5.23
C ASN A 211 8.21 -23.69 -3.93
N VAL A 212 7.48 -23.68 -2.81
CA VAL A 212 8.09 -23.68 -1.48
C VAL A 212 7.23 -24.55 -0.56
N ASN A 213 7.76 -24.82 0.62
CA ASN A 213 7.02 -25.57 1.63
C ASN A 213 6.03 -24.66 2.33
N ILE A 214 4.86 -25.20 2.67
CA ILE A 214 3.92 -24.47 3.51
C ILE A 214 4.56 -24.29 4.87
N PRO A 215 4.71 -23.07 5.39
CA PRO A 215 5.32 -22.89 6.70
C PRO A 215 4.66 -23.76 7.77
N ILE A 216 5.49 -24.43 8.56
CA ILE A 216 5.02 -25.46 9.47
C ILE A 216 4.62 -24.82 10.79
N GLY A 217 3.40 -25.10 11.24
CA GLY A 217 2.90 -24.56 12.49
C GLY A 217 2.36 -23.15 12.40
N ILE A 218 2.73 -22.39 11.38
CA ILE A 218 2.28 -21.02 11.21
C ILE A 218 0.95 -21.03 10.46
N THR A 219 0.12 -20.03 10.75
CA THR A 219 -1.18 -19.88 10.14
C THR A 219 -1.18 -18.64 9.23
N TYR A 220 -1.80 -18.78 8.06
CA TYR A 220 -1.78 -17.68 7.10
C TYR A 220 -2.26 -16.39 7.77
N PRO A 221 -1.58 -15.26 7.58
CA PRO A 221 -1.94 -14.06 8.34
C PRO A 221 -3.35 -13.57 8.02
N HIS A 222 -3.95 -12.92 9.02
CA HIS A 222 -5.18 -12.14 8.86
C HIS A 222 -4.95 -10.84 9.66
N VAL A 223 -4.20 -9.92 9.07
CA VAL A 223 -3.79 -8.70 9.73
C VAL A 223 -4.39 -7.51 8.99
N ASN A 224 -4.33 -6.34 9.65
CA ASN A 224 -4.81 -5.09 9.07
C ASN A 224 -6.33 -5.11 8.88
N ALA A 225 -7.03 -5.75 9.81
CA ALA A 225 -8.48 -5.79 9.74
C ALA A 225 -9.09 -4.47 10.18
N LEU A 226 -10.33 -4.24 9.76
CA LEU A 226 -11.04 -3.00 10.10
C LEU A 226 -10.95 -2.72 11.59
N LYS A 227 -11.30 -3.71 12.42
CA LYS A 227 -11.26 -3.55 13.87
C LYS A 227 -9.94 -2.93 14.33
N GLU A 228 -8.81 -3.52 13.91
CA GLU A 228 -7.52 -3.12 14.45
C GLU A 228 -7.01 -1.81 13.87
N VAL A 229 -7.39 -1.47 12.64
CA VAL A 229 -6.91 -0.22 12.05
C VAL A 229 -7.55 0.97 12.75
N THR A 230 -8.86 0.90 13.01
CA THR A 230 -9.54 2.01 13.67
C THR A 230 -9.13 2.11 15.13
N GLU A 231 -8.96 0.97 15.81
CA GLU A 231 -8.53 1.00 17.20
C GLU A 231 -7.17 1.67 17.34
N LEU A 232 -6.21 1.27 16.50
CA LEU A 232 -4.91 1.95 16.51
C LEU A 232 -5.05 3.41 16.12
N THR A 233 -6.01 3.74 15.27
CA THR A 233 -6.23 5.12 14.85
C THR A 233 -6.66 5.98 16.04
N GLU A 234 -7.76 5.62 16.69
CA GLU A 234 -8.23 6.39 17.83
C GLU A 234 -7.24 6.35 18.99
N LEU A 235 -6.35 5.37 19.01
CA LEU A 235 -5.32 5.33 20.05
C LEU A 235 -4.30 6.44 19.84
N LEU A 236 -3.92 6.69 18.59
CA LEU A 236 -2.95 7.75 18.30
C LEU A 236 -3.58 9.13 18.42
N ILE A 237 -4.86 9.26 18.06
CA ILE A 237 -5.56 10.54 18.24
C ILE A 237 -5.60 10.91 19.71
N LYS A 238 -5.88 9.93 20.58
CA LYS A 238 -5.91 10.16 22.01
C LYS A 238 -4.52 10.25 22.64
N TYR A 239 -3.47 9.90 21.90
CA TYR A 239 -2.12 10.00 22.43
C TYR A 239 -1.86 11.41 22.96
N GLN A 240 -0.99 11.49 23.97
CA GLN A 240 -0.66 12.74 24.64
C GLN A 240 0.84 12.93 24.65
N SER A 241 1.31 14.00 24.00
CA SER A 241 2.71 14.38 24.07
C SER A 241 3.14 14.61 25.51
N LEU A 242 4.41 14.33 25.81
CA LEU A 242 4.94 14.63 27.13
C LEU A 242 4.86 16.12 27.43
N ASP A 243 5.07 16.96 26.41
CA ASP A 243 4.90 18.39 26.58
C ASP A 243 3.45 18.74 26.92
N VAL A 244 2.50 17.92 26.46
CA VAL A 244 1.09 18.14 26.80
C VAL A 244 0.84 17.73 28.25
N ILE A 245 1.43 16.61 28.67
CA ILE A 245 1.27 16.15 30.04
C ILE A 245 1.77 17.20 31.01
N LYS A 246 2.86 17.89 30.66
CA LYS A 246 3.41 18.92 31.54
C LYS A 246 2.42 20.07 31.72
N THR A 247 1.82 20.55 30.63
CA THR A 247 0.85 21.63 30.74
C THR A 247 -0.31 21.23 31.63
N LYS A 248 -0.82 20.02 31.46
CA LYS A 248 -1.94 19.56 32.29
C LYS A 248 -1.53 19.31 33.73
N LEU A 249 -0.24 19.02 33.98
CA LEU A 249 0.24 18.89 35.35
C LEU A 249 0.40 20.25 36.01
N SER A 250 0.86 21.26 35.26
CA SER A 250 1.07 22.58 35.83
C SER A 250 -0.23 23.30 36.14
N GLU A 251 -1.36 22.80 35.64
CA GLU A 251 -2.66 23.35 36.01
C GLU A 251 -3.23 22.70 37.27
N VAL A 252 -2.84 21.45 37.55
CA VAL A 252 -3.23 20.80 38.79
C VAL A 252 -2.32 21.26 39.93
N PHE A 253 -1.01 21.25 39.69
CA PHE A 253 -0.02 21.43 40.74
C PHE A 253 0.72 22.74 40.69
N GLY A 254 0.83 23.37 39.52
CA GLY A 254 1.49 24.65 39.43
C GLY A 254 0.75 25.74 40.18
N SER A 255 1.48 26.79 40.52
CA SER A 255 0.84 27.96 41.06
C SER A 255 -0.19 28.50 40.08
N HIS A 256 -1.39 28.82 40.62
CA HIS A 256 -2.53 29.17 39.80
C HIS A 256 -2.65 30.69 39.74
N HIS A 257 -2.68 31.22 38.52
CA HIS A 257 -2.80 32.66 38.28
C HIS A 257 -4.12 32.92 37.57
N HIS A 258 -4.86 33.92 38.04
CA HIS A 258 -6.13 34.29 37.42
C HIS A 258 -6.54 35.69 37.82
P1 A3P B . -11.59 -5.48 6.12
O1P A3P B . -12.88 -6.22 5.92
O2P A3P B . -11.78 -4.06 5.80
O3P A3P B . -11.13 -5.63 7.52
P2 A3P B . -4.81 -4.57 3.39
O4P A3P B . -4.32 -4.47 1.97
O5P A3P B . -3.80 -5.34 4.22
O6P A3P B . -5.01 -3.19 3.94
O5' A3P B . -6.27 -5.41 3.43
C5' A3P B . -6.91 -5.58 4.66
C4' A3P B . -8.35 -6.18 4.39
O4' A3P B . -8.20 -7.63 3.91
C3' A3P B . -9.07 -6.23 5.45
O3' A3P B . -10.47 -6.12 5.08
C2' A3P B . -8.76 -7.73 6.08
O2' A3P B . -9.78 -8.09 7.07
C1' A3P B . -8.83 -8.49 5.07
N9 A3P B . -8.11 -9.80 5.21
C8 A3P B . -6.79 -9.60 5.23
N7 A3P B . -6.20 -10.80 5.36
C5 A3P B . -7.16 -11.73 5.41
C6 A3P B . -7.11 -13.08 5.54
N6 A3P B . -6.09 -14.08 5.67
N1 A3P B . -8.20 -13.78 5.57
C2 A3P B . -9.41 -13.16 5.48
N3 A3P B . -9.46 -11.82 5.36
C4 A3P B . -8.34 -11.12 5.32
#